data_3J2C
#
_entry.id   3J2C
#
_cell.length_a   1
_cell.length_b   1
_cell.length_c   1
_cell.angle_alpha   90
_cell.angle_beta   90
_cell.angle_gamma   90
#
_symmetry.space_group_name_H-M   'P 1'
#
loop_
_entity.id
_entity.type
_entity.pdbx_description
1 polymer '16S rRNA head domain'
2 polymer '16S rRNA body domain'
3 polymer '16S rRNA body domain'
#
loop_
_entity_poly.entity_id
_entity_poly.type
_entity_poly.pdbx_seq_one_letter_code
_entity_poly.pdbx_strand_id
1 'polyribonucleotide'
;GCCCGCACAAGCGGUGGAGCAUGUGGUUUAAUUCGAUGCAACGCGAAGAACCUUACCUGGUCUUGACAUCCACGGAAGUU
UUCAGAGAUGAGAAUGUGCCUUCGGGAACCGUGAGACAGGUGCUGCAUGGCUGUCGUCAGCUCGUGUUGUGAAAUGUUGG
GUUAAGUCCCGCAACGAGCGCAACCCUUAUCCUUUGUUGCCAGCGGUCCGGCCGGGAACUCAAAGGAGACUGCCAGUGAU
AAACUGGAGGAAGGUGGGGAUGACGUCAAGUCAUCAUGGCCCUUACGACCAGGGCUACACACGUGCUACAAUGGCGCAUA
CAAAGAGAAGCGACCUCGCGAGAGCAAGCGGACCUCAUAAAGUGCGUCGUAGUCCGGAUUGGAGUCUGCAACUCGACUCC
AUGAAGUCGGAAUCGCUAGUAAUCGUGGAUCAGAAUGCCACGGUGAAUACGUUCCCGGGCCU
;
M
2 'polyribonucleotide'
;AAUUGAAGAGUUUGAUCAUGGCUCAGAUUGAACGCUGGCGGCAGGCCUAACACAUGCAAGUCGAACGGUAACAGGAAGAA
GCUUGCUUCUUUGCUGACGAGUGGCGGACGGGUGAGUAAUGUCUGGGAAACUGCCUGAUGGAGGGGGAUAACUACUGGAA
ACGGUAGCUAAUACCGCAUAACGUCGCAAGACCAAAGAGGGGGACCUUCGGGCCUCUUGCCAUCGGAUGUGCCCAGAUGG
GAUUAGCUAGUAGGUGGGGUAACGGCUCACCUAGGCGACGAUCCCUAGCUGGUCUGAGAGGAUGACCAGCCACACUGGAA
CUGAGACACGGUCCAGACUCCUACGGGAGGCAGCAGUGGGGAAUAUUGCACAAUGGGCGCAAGCCUGAUGCAGCCAUGCC
GCGUGUAUGAAGAAGGCCUUCGGGUUGUAAAGUACUUUCAGCGGGGAGGAAGGGAGUAAAGUUAAUACCUUUGCUCAUUG
ACGUUACCCGCAGAAGAAGCACCGGCUAACUCCGUGCCAGCAGCCGCGGUAAUACGGAGGGUGCAAGCGUUAAUCGGAAU
UACUGGGCGUAAAGCGCACGCAGGCGGUUUGUUAAGUCAGAUGUGAAAUCCCCGGGCUCAACCUGGGAACUGCAUCUGAU
ACUGGCAAGCUUGAGUCUCGUAGAGGGGGGUAGAAUUCCAGGUGUAGCGGUGAAAUGCGUAGAGAUCUGGAGGAAUACCG
GUGGCGAAGGCGGCCCCCUGGACGAAGACUGACGCUCAGGUGCGAAAGCGUGGGGAGCAAACAGGAUUAGAUACCCUGGU
AGUCCACGCCGUAAACGAUGUCGACUUGGAGGUUGUGCCCUUGAGGCGUGGCUUCCGGAGCUAACGCGUUAAGUCGACCG
CCUGGGGAGUACGGCCGCAAGGUUAAAACUCAAAUGAAUUGACGGGG
;
N
3 'polyribonucleotide'
;UGUACACACCGCCCGUCACACCAUGGGAGUGGGUUGCAAAAGAAGUAGGUAGCUUAACCUUCGGGAGGGCGCUUACCACU
UUGUGAUUCAUGACUGGGGUGAAGUCGUAACAAGGUAACCGUAGGGGAACCUGCGGUUGGAUCA
;
O
#